data_5U5X
#
_entry.id   5U5X
#
_cell.length_a   51.006
_cell.length_b   74.935
_cell.length_c   107.047
_cell.angle_alpha   90.000
_cell.angle_beta   90.000
_cell.angle_gamma   90.000
#
_symmetry.space_group_name_H-M   'P 21 21 21'
#
loop_
_entity.id
_entity.type
_entity.pdbx_description
1 polymer Peroxidase
2 non-polymer 'PROTOPORPHYRIN IX CONTAINING FE'
3 non-polymer THIOPHENE-3-CARBOXIMIDAMIDE
4 water water
#
_entity_poly.entity_id   1
_entity_poly.type   'polypeptide(L)'
_entity_poly.pdbx_seq_one_letter_code
;LVHVASVEKGRSYEDFQKVYNAIALKLREDDEYDNYIGYGPVLVRLAWHISGTWDKHDNTGGSYGGTYRFKKEFNDPSNA
GLQNGFKFLEPIHKEFPWISSGDLFSLGGVTAVQEMQGPKIPWRCGRVDTPEDTTPDNGRLPDADKDAGYVRTFFQRLNM
NDREVVALMGAHALGKTHLKNSGYEGGGANNVFTNEFYLNLLNEDWKLEKNDANNEQWDSKSGYMMLPTDYSLIQDPKYL
SIVKEYANDQDKFFKDFSKAFEKLLENGITFPKDAPSPFIFKTLEEQGL
;
_entity_poly.pdbx_strand_id   A
#
loop_
_chem_comp.id
_chem_comp.type
_chem_comp.name
_chem_comp.formula
HEM non-polymer 'PROTOPORPHYRIN IX CONTAINING FE' 'C34 H32 Fe N4 O4'
TP5 non-polymer THIOPHENE-3-CARBOXIMIDAMIDE 'C5 H6 N2 S'
#
# COMPACT_ATOMS: atom_id res chain seq x y z
N LEU A 1 -2.92 -4.01 -24.62
CA LEU A 1 -3.07 -5.15 -23.67
C LEU A 1 -4.28 -4.98 -22.74
N VAL A 2 -5.26 -5.86 -22.82
CA VAL A 2 -6.52 -5.66 -22.07
C VAL A 2 -6.79 -6.71 -21.00
N HIS A 3 -7.05 -6.28 -19.76
CA HIS A 3 -7.35 -7.22 -18.67
C HIS A 3 -8.77 -7.00 -18.18
N VAL A 4 -9.66 -7.92 -18.53
CA VAL A 4 -11.06 -7.75 -18.20
C VAL A 4 -11.37 -8.44 -16.90
N ALA A 5 -11.97 -7.71 -15.98
CA ALA A 5 -12.35 -8.26 -14.68
C ALA A 5 -13.40 -9.36 -14.86
N SER A 6 -13.21 -10.47 -14.16
CA SER A 6 -14.11 -11.63 -14.31
C SER A 6 -14.40 -12.14 -12.92
N VAL A 7 -15.63 -11.96 -12.47
CA VAL A 7 -16.04 -12.34 -11.11
C VAL A 7 -15.85 -13.84 -10.87
N GLU A 8 -15.18 -14.20 -9.78
CA GLU A 8 -15.03 -15.61 -9.40
C GLU A 8 -16.42 -16.28 -9.42
N LYS A 9 -16.52 -17.45 -10.04
CA LYS A 9 -17.80 -17.99 -10.45
C LYS A 9 -18.78 -18.07 -9.29
N GLY A 10 -19.91 -17.39 -9.44
CA GLY A 10 -21.00 -17.50 -8.49
C GLY A 10 -20.82 -16.71 -7.20
N ARG A 11 -19.71 -15.99 -7.07
CA ARG A 11 -19.45 -15.24 -5.80
C ARG A 11 -20.09 -13.87 -5.76
N SER A 12 -20.41 -13.44 -4.56
CA SER A 12 -21.03 -12.13 -4.37
C SER A 12 -20.46 -11.47 -3.13
N TYR A 13 -21.03 -10.35 -2.76
CA TYR A 13 -20.52 -9.58 -1.62
C TYR A 13 -20.25 -10.40 -0.37
N GLU A 14 -21.20 -11.26 0.01
CA GLU A 14 -21.04 -12.03 1.26
C GLU A 14 -19.80 -12.94 1.21
N ASP A 15 -19.47 -13.49 0.04
CA ASP A 15 -18.26 -14.31 -0.07
C ASP A 15 -17.01 -13.51 0.27
N PHE A 16 -16.94 -12.30 -0.27
CA PHE A 16 -15.73 -11.50 -0.07
C PHE A 16 -15.70 -10.90 1.33
N GLN A 17 -16.86 -10.65 1.93
CA GLN A 17 -16.86 -10.20 3.31
C GLN A 17 -16.34 -11.33 4.19
N LYS A 18 -16.60 -12.60 3.83
CA LYS A 18 -16.06 -13.71 4.63
C LYS A 18 -14.53 -13.72 4.55
N VAL A 19 -13.99 -13.42 3.38
CA VAL A 19 -12.55 -13.41 3.22
C VAL A 19 -11.95 -12.23 4.01
N TYR A 20 -12.55 -11.06 3.85
CA TYR A 20 -12.20 -9.89 4.68
C TYR A 20 -12.17 -10.29 6.18
N ASN A 21 -13.21 -10.96 6.64
CA ASN A 21 -13.31 -11.24 8.07
C ASN A 21 -12.21 -12.19 8.48
N ALA A 22 -11.86 -13.16 7.64
CA ALA A 22 -10.77 -14.10 7.96
C ALA A 22 -9.46 -13.37 8.08
N ILE A 23 -9.18 -12.45 7.15
CA ILE A 23 -7.96 -11.63 7.20
C ILE A 23 -7.95 -10.81 8.48
N ALA A 24 -9.06 -10.17 8.78
CA ALA A 24 -9.16 -9.22 9.90
C ALA A 24 -9.02 -9.97 11.23
N LEU A 25 -9.61 -11.17 11.31
CA LEU A 25 -9.49 -11.96 12.55
C LEU A 25 -8.05 -12.41 12.77
N LYS A 26 -7.35 -12.71 11.67
CA LYS A 26 -5.97 -13.18 11.78
C LYS A 26 -5.05 -12.01 12.14
N LEU A 27 -5.40 -10.84 11.62
CA LEU A 27 -4.69 -9.61 11.98
C LEU A 27 -4.76 -9.36 13.48
N ARG A 28 -5.94 -9.63 14.05
CA ARG A 28 -6.16 -9.48 15.48
C ARG A 28 -5.37 -10.52 16.27
N GLU A 29 -5.31 -11.74 15.75
CA GLU A 29 -4.71 -12.87 16.46
C GLU A 29 -3.18 -12.84 16.51
N ASP A 30 -2.57 -12.54 15.36
CA ASP A 30 -1.12 -12.59 15.20
C ASP A 30 -0.50 -11.23 15.53
N ASP A 31 -0.66 -10.81 16.78
CA ASP A 31 -0.43 -9.43 17.17
C ASP A 31 1.03 -9.13 17.55
N GLU A 32 1.85 -10.16 17.76
CA GLU A 32 3.23 -10.01 18.22
C GLU A 32 4.21 -9.62 17.10
N TYR A 33 3.81 -9.84 15.84
CA TYR A 33 4.70 -9.63 14.70
C TYR A 33 5.35 -8.24 14.67
N ASP A 34 6.64 -8.22 14.35
CA ASP A 34 7.40 -6.95 14.22
C ASP A 34 7.26 -6.04 15.46
N ASN A 35 7.63 -6.60 16.62
N ASN A 35 7.64 -6.56 16.62
CA ASN A 35 7.60 -5.91 17.91
CA ASN A 35 7.60 -5.80 17.89
C ASN A 35 6.23 -5.31 18.21
C ASN A 35 6.21 -5.28 18.21
N TYR A 36 5.21 -6.13 17.99
CA TYR A 36 3.79 -5.84 18.30
C TYR A 36 3.15 -4.78 17.41
N ILE A 37 3.75 -4.53 16.26
CA ILE A 37 3.04 -3.73 15.24
C ILE A 37 1.91 -4.55 14.61
N GLY A 38 2.10 -5.86 14.50
CA GLY A 38 1.15 -6.69 13.77
C GLY A 38 1.36 -6.58 12.26
N TYR A 39 0.54 -7.31 11.49
CA TYR A 39 0.79 -7.49 10.06
C TYR A 39 0.09 -6.44 9.22
N GLY A 40 -0.63 -5.52 9.85
CA GLY A 40 -1.37 -4.52 9.07
C GLY A 40 -0.50 -3.74 8.10
N PRO A 41 0.59 -3.11 8.59
CA PRO A 41 1.42 -2.31 7.67
C PRO A 41 2.05 -3.12 6.52
N VAL A 42 2.61 -4.31 6.79
CA VAL A 42 3.23 -5.06 5.69
C VAL A 42 2.16 -5.49 4.64
N LEU A 43 0.90 -5.72 5.06
CA LEU A 43 -0.15 -6.04 4.09
C LEU A 43 -0.48 -4.83 3.20
N VAL A 44 -0.49 -3.62 3.77
CA VAL A 44 -0.68 -2.44 2.96
C VAL A 44 0.49 -2.30 1.96
N ARG A 45 1.72 -2.47 2.43
N ARG A 45 1.72 -2.48 2.44
CA ARG A 45 2.86 -2.38 1.53
CA ARG A 45 2.90 -2.39 1.57
C ARG A 45 2.79 -3.46 0.44
C ARG A 45 2.83 -3.46 0.46
N LEU A 46 2.35 -4.67 0.80
CA LEU A 46 2.22 -5.74 -0.20
C LEU A 46 1.23 -5.32 -1.29
N ALA A 47 0.09 -4.77 -0.90
CA ALA A 47 -0.91 -4.36 -1.90
C ALA A 47 -0.36 -3.25 -2.81
N TRP A 48 0.41 -2.34 -2.22
CA TRP A 48 1.04 -1.29 -3.02
C TRP A 48 2.08 -1.86 -3.95
N HIS A 49 2.91 -2.79 -3.47
CA HIS A 49 3.97 -3.30 -4.36
C HIS A 49 3.47 -4.18 -5.49
N ILE A 50 2.37 -4.92 -5.28
CA ILE A 50 1.88 -5.76 -6.36
C ILE A 50 1.15 -4.89 -7.40
N SER A 51 0.67 -3.72 -6.98
CA SER A 51 0.03 -2.76 -7.89
C SER A 51 1.00 -1.81 -8.57
N GLY A 52 2.05 -1.45 -7.83
CA GLY A 52 3.01 -0.43 -8.22
C GLY A 52 3.96 -0.82 -9.35
N THR A 53 3.83 -2.04 -9.86
CA THR A 53 4.57 -2.45 -11.05
C THR A 53 3.90 -2.00 -12.35
N TRP A 54 2.70 -1.44 -12.25
CA TRP A 54 1.93 -1.10 -13.44
C TRP A 54 2.62 -0.06 -14.30
N ASP A 55 2.49 -0.21 -15.61
CA ASP A 55 2.97 0.81 -16.54
C ASP A 55 1.82 1.24 -17.44
N LYS A 56 1.40 2.51 -17.33
CA LYS A 56 0.25 2.97 -18.11
C LYS A 56 0.50 2.89 -19.61
N HIS A 57 1.76 2.89 -20.03
CA HIS A 57 2.08 2.92 -21.46
C HIS A 57 1.73 1.63 -22.22
N ASP A 58 1.89 0.48 -21.57
CA ASP A 58 1.57 -0.76 -22.27
C ASP A 58 0.70 -1.71 -21.43
N ASN A 59 0.23 -1.24 -20.28
CA ASN A 59 -0.60 -2.02 -19.35
C ASN A 59 0.07 -3.32 -18.93
N THR A 60 1.39 -3.28 -18.78
CA THR A 60 2.07 -4.41 -18.15
C THR A 60 2.08 -4.20 -16.64
N GLY A 61 2.31 -5.28 -15.89
CA GLY A 61 2.33 -5.20 -14.44
C GLY A 61 0.96 -4.91 -13.89
N GLY A 62 0.89 -4.37 -12.67
CA GLY A 62 -0.40 -4.11 -12.06
C GLY A 62 -0.93 -5.29 -11.24
N SER A 63 -2.00 -5.05 -10.51
CA SER A 63 -2.52 -6.06 -9.56
C SER A 63 -3.21 -7.24 -10.26
N TYR A 64 -3.68 -7.03 -11.49
CA TYR A 64 -4.64 -7.97 -12.07
C TYR A 64 -4.15 -9.43 -12.07
N GLY A 65 -2.90 -9.65 -12.52
CA GLY A 65 -2.42 -11.01 -12.78
C GLY A 65 -1.97 -11.84 -11.59
N GLY A 66 -1.86 -11.20 -10.42
CA GLY A 66 -1.38 -11.89 -9.22
C GLY A 66 0.04 -12.39 -9.35
N THR A 67 0.85 -11.68 -10.13
CA THR A 67 2.16 -12.27 -10.51
C THR A 67 3.22 -12.27 -9.39
N TYR A 68 2.93 -11.63 -8.25
CA TYR A 68 3.84 -11.67 -7.09
C TYR A 68 4.10 -13.10 -6.60
N ARG A 69 3.19 -14.02 -6.93
CA ARG A 69 3.35 -15.41 -6.52
C ARG A 69 4.52 -16.11 -7.24
N PHE A 70 5.00 -15.52 -8.34
CA PHE A 70 6.11 -16.10 -9.10
C PHE A 70 7.49 -15.63 -8.61
N LYS A 71 8.49 -16.51 -8.71
CA LYS A 71 9.79 -16.25 -8.08
C LYS A 71 10.45 -14.93 -8.51
N LYS A 72 10.36 -14.58 -9.79
CA LYS A 72 11.02 -13.38 -10.27
C LYS A 72 10.54 -12.16 -9.49
N GLU A 73 9.22 -12.04 -9.34
CA GLU A 73 8.66 -10.87 -8.63
C GLU A 73 8.79 -11.03 -7.11
N PHE A 74 8.56 -12.24 -6.62
CA PHE A 74 8.66 -12.54 -5.19
C PHE A 74 10.06 -12.17 -4.67
N ASN A 75 11.08 -12.36 -5.54
CA ASN A 75 12.49 -12.14 -5.19
C ASN A 75 13.05 -10.77 -5.57
N ASP A 76 12.23 -9.91 -6.16
CA ASP A 76 12.63 -8.52 -6.39
C ASP A 76 13.24 -7.94 -5.09
N PRO A 77 14.49 -7.42 -5.16
CA PRO A 77 15.07 -6.73 -3.99
C PRO A 77 14.15 -5.65 -3.38
N SER A 78 13.40 -4.96 -4.23
CA SER A 78 12.42 -3.98 -3.79
C SER A 78 11.32 -4.58 -2.93
N ASN A 79 11.08 -5.90 -3.08
CA ASN A 79 10.03 -6.56 -2.32
C ASN A 79 10.55 -7.27 -1.05
N ALA A 80 11.79 -6.98 -0.64
CA ALA A 80 12.33 -7.65 0.53
C ALA A 80 11.51 -7.35 1.79
N GLY A 81 11.10 -8.40 2.48
CA GLY A 81 10.27 -8.25 3.67
C GLY A 81 8.80 -8.56 3.42
N LEU A 82 8.35 -8.49 2.17
CA LEU A 82 6.94 -8.74 1.86
C LEU A 82 6.58 -10.22 1.94
N GLN A 83 7.59 -11.08 1.97
CA GLN A 83 7.36 -12.52 2.15
C GLN A 83 6.55 -12.78 3.42
N ASN A 84 6.72 -11.94 4.45
CA ASN A 84 5.95 -12.08 5.67
C ASN A 84 4.45 -11.88 5.41
N GLY A 85 4.12 -10.93 4.54
CA GLY A 85 2.72 -10.71 4.19
C GLY A 85 2.16 -11.89 3.41
N PHE A 86 2.97 -12.40 2.48
CA PHE A 86 2.56 -13.55 1.67
C PHE A 86 2.27 -14.74 2.56
N LYS A 87 3.16 -15.02 3.51
CA LYS A 87 2.96 -16.13 4.43
C LYS A 87 1.72 -15.94 5.29
N PHE A 88 1.47 -14.70 5.70
CA PHE A 88 0.29 -14.38 6.48
C PHE A 88 -0.97 -14.78 5.68
N LEU A 89 -0.96 -14.48 4.39
CA LEU A 89 -2.15 -14.68 3.58
C LEU A 89 -2.33 -16.13 3.11
N GLU A 90 -1.29 -16.96 3.26
CA GLU A 90 -1.33 -18.34 2.77
C GLU A 90 -2.49 -19.15 3.38
N PRO A 91 -2.64 -19.13 4.72
CA PRO A 91 -3.79 -19.90 5.22
C PRO A 91 -5.18 -19.34 4.84
N ILE A 92 -5.26 -18.03 4.66
CA ILE A 92 -6.47 -17.44 4.11
C ILE A 92 -6.76 -18.01 2.70
N HIS A 93 -5.72 -18.10 1.88
CA HIS A 93 -5.95 -18.62 0.54
C HIS A 93 -6.35 -20.08 0.59
N LYS A 94 -5.83 -20.80 1.57
CA LYS A 94 -6.13 -22.22 1.68
C LYS A 94 -7.61 -22.41 2.07
N GLU A 95 -8.10 -21.52 2.92
CA GLU A 95 -9.50 -21.60 3.34
C GLU A 95 -10.43 -21.15 2.21
N PHE A 96 -9.98 -20.21 1.39
CA PHE A 96 -10.79 -19.68 0.27
C PHE A 96 -10.06 -19.81 -1.05
N PRO A 97 -9.92 -21.06 -1.54
CA PRO A 97 -9.05 -21.26 -2.69
C PRO A 97 -9.60 -20.69 -3.97
N TRP A 98 -10.88 -20.30 -3.96
CA TRP A 98 -11.53 -19.75 -5.15
C TRP A 98 -11.16 -18.30 -5.43
N ILE A 99 -10.56 -17.60 -4.46
CA ILE A 99 -10.25 -16.20 -4.72
C ILE A 99 -8.96 -16.11 -5.53
N SER A 100 -8.91 -15.20 -6.50
CA SER A 100 -7.67 -15.05 -7.28
C SER A 100 -6.57 -14.43 -6.44
N SER A 101 -5.32 -14.62 -6.87
CA SER A 101 -4.20 -14.04 -6.11
C SER A 101 -4.24 -12.54 -6.07
N GLY A 102 -4.49 -11.89 -7.21
CA GLY A 102 -4.56 -10.44 -7.21
C GLY A 102 -5.67 -9.93 -6.32
N ASP A 103 -6.81 -10.61 -6.33
CA ASP A 103 -7.92 -10.21 -5.45
C ASP A 103 -7.51 -10.36 -3.99
N LEU A 104 -6.85 -11.46 -3.65
CA LEU A 104 -6.44 -11.67 -2.26
C LEU A 104 -5.40 -10.61 -1.82
N PHE A 105 -4.40 -10.33 -2.64
CA PHE A 105 -3.35 -9.40 -2.20
C PHE A 105 -3.93 -7.99 -2.05
N SER A 106 -4.78 -7.57 -2.99
CA SER A 106 -5.36 -6.24 -2.91
C SER A 106 -6.35 -6.17 -1.75
N LEU A 107 -7.16 -7.21 -1.58
CA LEU A 107 -8.13 -7.22 -0.47
C LEU A 107 -7.38 -7.20 0.89
N GLY A 108 -6.19 -7.81 0.95
CA GLY A 108 -5.39 -7.81 2.16
C GLY A 108 -5.06 -6.36 2.55
N GLY A 109 -4.72 -5.54 1.54
CA GLY A 109 -4.40 -4.15 1.81
C GLY A 109 -5.62 -3.36 2.27
N VAL A 110 -6.78 -3.60 1.65
CA VAL A 110 -8.01 -2.88 2.01
C VAL A 110 -8.40 -3.25 3.45
N THR A 111 -8.35 -4.55 3.76
CA THR A 111 -8.71 -5.03 5.08
C THR A 111 -7.79 -4.38 6.14
N ALA A 112 -6.50 -4.36 5.86
CA ALA A 112 -5.55 -3.80 6.83
C ALA A 112 -5.81 -2.31 7.09
N VAL A 113 -6.02 -1.54 6.01
CA VAL A 113 -6.29 -0.12 6.18
C VAL A 113 -7.55 0.07 7.04
N GLN A 114 -8.61 -0.68 6.74
CA GLN A 114 -9.85 -0.49 7.48
C GLN A 114 -9.71 -0.96 8.92
N GLU A 115 -9.11 -2.13 9.14
CA GLU A 115 -9.02 -2.61 10.52
C GLU A 115 -8.05 -1.75 11.39
N MET A 116 -7.14 -1.01 10.75
CA MET A 116 -6.28 -0.05 11.47
C MET A 116 -6.96 1.32 11.59
N GLN A 117 -8.29 1.35 11.41
CA GLN A 117 -9.17 2.53 11.66
C GLN A 117 -8.98 3.61 10.59
N GLY A 118 -8.52 3.18 9.43
CA GLY A 118 -8.45 4.03 8.26
C GLY A 118 -9.78 4.24 7.57
N PRO A 119 -9.74 4.91 6.42
CA PRO A 119 -11.01 5.14 5.70
C PRO A 119 -11.54 3.85 5.09
N LYS A 120 -12.85 3.81 4.81
CA LYS A 120 -13.36 2.74 3.95
C LYS A 120 -12.72 2.88 2.58
N ILE A 121 -12.32 1.75 2.00
CA ILE A 121 -11.78 1.67 0.64
C ILE A 121 -12.68 0.76 -0.19
N PRO A 122 -13.45 1.34 -1.12
CA PRO A 122 -14.29 0.47 -1.96
C PRO A 122 -13.41 -0.46 -2.75
N TRP A 123 -13.85 -1.70 -2.95
CA TRP A 123 -12.98 -2.70 -3.56
C TRP A 123 -13.77 -3.50 -4.55
N ARG A 124 -13.17 -3.81 -5.69
CA ARG A 124 -13.84 -4.58 -6.74
C ARG A 124 -13.14 -5.91 -6.93
N CYS A 125 -13.93 -6.97 -7.15
CA CYS A 125 -13.36 -8.29 -7.41
C CYS A 125 -13.12 -8.48 -8.91
N GLY A 126 -12.47 -9.57 -9.27
CA GLY A 126 -12.45 -9.97 -10.67
C GLY A 126 -11.07 -10.03 -11.28
N ARG A 127 -10.03 -9.79 -10.48
CA ARG A 127 -8.67 -10.01 -10.99
C ARG A 127 -8.49 -11.47 -11.34
N VAL A 128 -7.77 -11.75 -12.42
CA VAL A 128 -7.60 -13.13 -12.84
C VAL A 128 -6.11 -13.50 -12.92
N ASP A 129 -5.75 -14.61 -12.31
CA ASP A 129 -4.35 -15.08 -12.35
C ASP A 129 -3.88 -15.24 -13.79
N THR A 130 -2.71 -14.70 -14.10
CA THR A 130 -2.10 -14.83 -15.43
C THR A 130 -0.79 -15.62 -15.33
N PRO A 131 -0.30 -16.15 -16.46
CA PRO A 131 0.85 -17.08 -16.43
C PRO A 131 2.16 -16.44 -16.00
N GLU A 132 3.13 -17.30 -15.70
CA GLU A 132 4.43 -16.83 -15.17
C GLU A 132 5.15 -15.88 -16.13
N ASP A 133 4.99 -16.10 -17.44
CA ASP A 133 5.68 -15.23 -18.40
C ASP A 133 5.09 -13.80 -18.45
N THR A 134 4.03 -13.53 -17.68
CA THR A 134 3.45 -12.19 -17.64
C THR A 134 3.99 -11.40 -16.46
N THR A 135 4.87 -12.02 -15.69
CA THR A 135 5.46 -11.36 -14.53
C THR A 135 6.36 -10.20 -14.97
N PRO A 136 6.14 -8.99 -14.43
CA PRO A 136 7.01 -7.86 -14.82
C PRO A 136 8.44 -8.04 -14.31
N ASP A 137 9.43 -7.58 -15.06
CA ASP A 137 10.81 -7.57 -14.57
C ASP A 137 10.96 -6.72 -13.29
N ASN A 138 11.97 -7.05 -12.49
CA ASN A 138 12.36 -6.20 -11.36
C ASN A 138 12.72 -4.78 -11.78
N GLY A 139 12.61 -3.81 -10.87
CA GLY A 139 13.07 -2.44 -11.10
C GLY A 139 12.00 -1.41 -11.39
N ARG A 140 10.73 -1.80 -11.27
CA ARG A 140 9.61 -0.89 -11.55
C ARG A 140 9.12 -0.15 -10.31
N LEU A 141 9.55 -0.59 -9.13
CA LEU A 141 9.16 0.09 -7.89
C LEU A 141 10.16 1.22 -7.55
N PRO A 142 9.74 2.22 -6.73
CA PRO A 142 10.57 3.44 -6.63
C PRO A 142 11.75 3.35 -5.65
N ASP A 143 12.81 4.12 -5.90
CA ASP A 143 13.93 4.28 -4.98
C ASP A 143 13.61 5.31 -3.90
N ALA A 144 14.19 5.16 -2.71
CA ALA A 144 13.88 6.05 -1.60
C ALA A 144 14.93 7.15 -1.41
N ASP A 145 16.04 7.06 -2.13
CA ASP A 145 17.16 8.02 -1.94
C ASP A 145 17.12 9.16 -2.94
N LYS A 146 15.94 9.56 -3.36
CA LYS A 146 15.77 10.49 -4.46
C LYS A 146 15.01 11.74 -4.03
N ASP A 147 14.85 12.71 -4.94
N ASP A 147 14.84 12.71 -4.94
CA ASP A 147 14.18 13.97 -4.58
CA ASP A 147 14.18 13.96 -4.56
C ASP A 147 12.76 14.09 -5.13
C ASP A 147 12.76 14.09 -5.11
N ALA A 148 12.17 15.27 -4.96
CA ALA A 148 10.77 15.47 -5.35
C ALA A 148 10.57 15.26 -6.87
N GLY A 149 11.54 15.67 -7.67
CA GLY A 149 11.41 15.59 -9.11
C GLY A 149 11.31 14.13 -9.55
N TYR A 150 12.09 13.29 -8.88
CA TYR A 150 12.04 11.88 -9.14
C TYR A 150 10.70 11.28 -8.76
N VAL A 151 10.21 11.63 -7.58
CA VAL A 151 8.94 11.10 -7.08
C VAL A 151 7.83 11.48 -8.08
N ARG A 152 7.84 12.74 -8.50
CA ARG A 152 6.80 13.22 -9.40
C ARG A 152 6.82 12.44 -10.74
N THR A 153 8.00 12.32 -11.33
CA THR A 153 8.14 11.64 -12.61
C THR A 153 7.82 10.17 -12.47
N PHE A 154 8.30 9.58 -11.36
CA PHE A 154 8.05 8.16 -11.14
C PHE A 154 6.56 7.85 -11.19
N PHE A 155 5.79 8.62 -10.44
CA PHE A 155 4.36 8.33 -10.27
C PHE A 155 3.53 8.68 -11.53
N GLN A 156 4.07 9.49 -12.43
CA GLN A 156 3.38 9.68 -13.72
C GLN A 156 3.16 8.37 -14.45
N ARG A 157 4.08 7.42 -14.23
CA ARG A 157 3.94 6.11 -14.88
C ARG A 157 2.71 5.31 -14.38
N LEU A 158 2.29 5.61 -13.15
CA LEU A 158 1.12 5.00 -12.49
C LEU A 158 -0.11 5.90 -12.66
N ASN A 159 0.03 6.92 -13.51
CA ASN A 159 -1.06 7.88 -13.76
C ASN A 159 -1.52 8.58 -12.48
N MET A 160 -0.59 8.92 -11.58
CA MET A 160 -0.92 9.61 -10.32
C MET A 160 -0.41 11.05 -10.39
N ASN A 161 -1.26 11.98 -9.93
CA ASN A 161 -0.87 13.42 -9.94
C ASN A 161 -0.32 13.83 -8.55
N ASP A 162 0.04 15.10 -8.39
N ASP A 162 0.00 15.12 -8.35
CA ASP A 162 0.65 15.56 -7.15
CA ASP A 162 0.56 15.54 -7.08
C ASP A 162 -0.21 15.27 -5.93
C ASP A 162 -0.31 15.16 -5.87
N ARG A 163 -1.53 15.43 -6.08
N ARG A 163 -1.60 15.48 -5.91
CA ARG A 163 -2.42 15.18 -4.96
CA ARG A 163 -2.46 15.23 -4.76
C ARG A 163 -2.46 13.70 -4.60
C ARG A 163 -2.54 13.74 -4.44
N GLU A 164 -2.58 12.85 -5.63
N GLU A 164 -2.62 12.93 -5.50
CA GLU A 164 -2.65 11.39 -5.42
CA GLU A 164 -2.65 11.46 -5.34
C GLU A 164 -1.37 10.82 -4.86
C GLU A 164 -1.37 10.98 -4.71
N VAL A 165 -0.24 11.42 -5.22
CA VAL A 165 1.07 11.04 -4.66
C VAL A 165 1.17 11.39 -3.17
N VAL A 166 0.88 12.64 -2.83
CA VAL A 166 1.01 13.06 -1.44
C VAL A 166 0.03 12.27 -0.53
N ALA A 167 -1.19 12.01 -1.02
CA ALA A 167 -2.14 11.20 -0.25
C ALA A 167 -1.62 9.78 -0.07
N LEU A 168 -1.18 9.13 -1.15
CA LEU A 168 -0.71 7.73 -1.02
C LEU A 168 0.44 7.65 -0.01
N MET A 169 1.35 8.64 -0.06
N MET A 169 1.33 8.63 -0.05
CA MET A 169 2.54 8.61 0.83
CA MET A 169 2.52 8.58 0.80
C MET A 169 2.15 8.68 2.30
C MET A 169 2.18 8.78 2.29
N GLY A 170 0.92 9.13 2.60
CA GLY A 170 0.47 9.19 3.98
C GLY A 170 0.36 7.81 4.63
N ALA A 171 0.36 6.74 3.82
CA ALA A 171 0.49 5.38 4.30
C ALA A 171 1.79 5.16 5.12
N HIS A 172 2.76 6.05 4.96
CA HIS A 172 3.97 5.96 5.79
C HIS A 172 3.76 6.43 7.22
N ALA A 173 2.50 6.74 7.58
CA ALA A 173 2.11 6.74 9.00
C ALA A 173 2.21 5.35 9.63
N LEU A 174 2.20 4.33 8.78
CA LEU A 174 2.09 2.92 9.22
C LEU A 174 3.43 2.19 9.23
N GLY A 175 3.68 1.40 10.28
CA GLY A 175 4.81 0.50 10.27
C GLY A 175 6.12 1.25 10.26
N LYS A 176 7.13 0.63 9.65
CA LYS A 176 8.49 1.15 9.78
C LYS A 176 9.39 0.59 8.69
N THR A 177 10.57 1.16 8.57
CA THR A 177 11.61 0.58 7.75
C THR A 177 12.39 -0.41 8.60
N HIS A 178 13.08 -1.32 7.93
CA HIS A 178 13.91 -2.33 8.56
C HIS A 178 15.25 -2.32 7.83
N LEU A 179 16.35 -2.09 8.55
CA LEU A 179 17.64 -1.90 7.90
C LEU A 179 17.97 -3.09 6.96
N LYS A 180 17.65 -4.30 7.39
CA LYS A 180 18.01 -5.47 6.60
C LYS A 180 17.15 -5.61 5.33
N ASN A 181 15.98 -4.96 5.29
CA ASN A 181 15.11 -5.04 4.11
C ASN A 181 15.45 -4.00 3.06
N SER A 182 15.59 -2.76 3.49
CA SER A 182 15.70 -1.62 2.58
C SER A 182 16.93 -0.73 2.78
N GLY A 183 17.73 -0.96 3.82
CA GLY A 183 18.85 -0.07 4.10
C GLY A 183 18.48 1.23 4.79
N TYR A 184 17.32 1.24 5.44
CA TYR A 184 16.86 2.39 6.23
C TYR A 184 16.55 1.94 7.63
N GLU A 185 17.02 2.73 8.63
CA GLU A 185 16.86 2.40 10.04
C GLU A 185 15.52 2.87 10.54
N GLY A 186 14.71 1.95 11.02
CA GLY A 186 13.36 2.24 11.45
C GLY A 186 13.31 3.22 12.60
N GLY A 187 12.27 4.04 12.60
CA GLY A 187 12.00 4.94 13.71
C GLY A 187 10.69 4.61 14.40
N GLY A 188 10.13 5.55 15.14
CA GLY A 188 8.89 5.30 15.86
C GLY A 188 7.83 4.82 14.90
N ALA A 189 7.02 3.84 15.33
CA ALA A 189 6.12 3.13 14.43
C ALA A 189 4.75 3.01 15.06
N ASN A 190 3.74 3.03 14.22
CA ASN A 190 2.37 2.90 14.69
C ASN A 190 1.58 1.94 13.82
N ASN A 191 0.47 1.44 14.36
CA ASN A 191 -0.38 0.56 13.56
C ASN A 191 -1.82 1.08 13.54
N VAL A 192 -1.95 2.41 13.62
CA VAL A 192 -3.24 3.07 13.53
C VAL A 192 -3.15 4.07 12.37
N PHE A 193 -4.15 4.02 11.49
CA PHE A 193 -4.14 4.84 10.27
C PHE A 193 -4.61 6.25 10.62
N THR A 194 -3.73 7.23 10.50
CA THR A 194 -4.07 8.62 10.78
C THR A 194 -3.33 9.51 9.80
N ASN A 195 -3.53 10.83 9.89
CA ASN A 195 -2.74 11.78 9.11
C ASN A 195 -1.44 12.20 9.80
N GLU A 196 -0.95 11.39 10.73
N GLU A 196 -0.99 11.38 10.74
CA GLU A 196 0.20 11.85 11.51
CA GLU A 196 0.19 11.74 11.53
C GLU A 196 1.52 11.93 10.71
C GLU A 196 1.48 11.95 10.70
N PHE A 197 1.60 11.27 9.56
CA PHE A 197 2.78 11.42 8.68
C PHE A 197 3.02 12.89 8.32
N TYR A 198 1.94 13.59 7.99
CA TYR A 198 2.01 15.00 7.61
C TYR A 198 2.33 15.90 8.79
N LEU A 199 1.70 15.60 9.94
CA LEU A 199 2.01 16.34 11.17
C LEU A 199 3.47 16.15 11.54
N ASN A 200 3.97 14.93 11.47
CA ASN A 200 5.40 14.70 11.75
C ASN A 200 6.30 15.51 10.82
N LEU A 201 6.01 15.50 9.53
CA LEU A 201 6.85 16.24 8.57
C LEU A 201 6.95 17.71 8.97
N LEU A 202 5.80 18.29 9.31
CA LEU A 202 5.71 19.73 9.57
C LEU A 202 6.21 20.14 10.94
N ASN A 203 6.10 19.27 11.93
CA ASN A 203 6.31 19.69 13.33
C ASN A 203 7.60 19.24 13.97
N GLU A 204 8.22 18.21 13.42
CA GLU A 204 9.43 17.67 14.05
C GLU A 204 10.64 18.44 13.62
N ASP A 205 11.67 18.38 14.46
CA ASP A 205 12.98 18.99 14.16
C ASP A 205 13.87 17.98 13.42
N TRP A 206 13.91 18.05 12.10
CA TRP A 206 14.55 16.97 11.32
C TRP A 206 16.04 17.19 11.16
N LYS A 207 16.83 16.14 11.34
CA LYS A 207 18.28 16.17 11.09
C LYS A 207 18.66 15.15 10.02
N LEU A 208 19.46 15.58 9.05
CA LEU A 208 19.91 14.68 8.00
C LEU A 208 21.09 13.86 8.52
N GLU A 209 20.87 12.56 8.75
CA GLU A 209 21.90 11.68 9.31
C GLU A 209 22.23 10.53 8.36
N LYS A 210 23.32 9.83 8.64
CA LYS A 210 23.69 8.62 7.91
C LYS A 210 23.49 7.40 8.79
N ASN A 211 22.84 6.38 8.23
CA ASN A 211 22.54 5.19 9.04
C ASN A 211 23.65 4.13 8.87
N ASP A 212 23.46 2.96 9.49
CA ASP A 212 24.53 1.98 9.49
C ASP A 212 24.70 1.29 8.13
N ALA A 213 23.80 1.56 7.20
CA ALA A 213 23.96 1.00 5.87
C ALA A 213 24.61 2.04 4.95
N ASN A 214 25.04 3.14 5.57
CA ASN A 214 25.65 4.29 4.90
C ASN A 214 24.69 5.07 3.97
N ASN A 215 23.39 5.01 4.26
CA ASN A 215 22.41 5.80 3.54
C ASN A 215 21.93 6.96 4.38
N GLU A 216 21.59 8.06 3.72
CA GLU A 216 21.07 9.22 4.42
C GLU A 216 19.57 9.08 4.70
N GLN A 217 19.16 9.50 5.88
CA GLN A 217 17.75 9.61 6.19
C GLN A 217 17.57 10.74 7.17
N TRP A 218 16.34 11.23 7.28
CA TRP A 218 16.02 12.33 8.19
C TRP A 218 15.44 11.79 9.50
N ASP A 219 16.10 12.13 10.61
CA ASP A 219 15.73 11.68 11.94
C ASP A 219 15.38 12.83 12.89
N SER A 220 14.48 12.60 13.81
CA SER A 220 14.17 13.61 14.85
C SER A 220 14.58 13.13 16.23
N LYS A 221 14.80 14.08 17.12
CA LYS A 221 15.17 13.75 18.49
C LYS A 221 14.05 12.99 19.18
N SER A 222 12.81 13.20 18.72
CA SER A 222 11.66 12.45 19.21
C SER A 222 11.73 10.98 18.84
N GLY A 223 12.61 10.62 17.91
CA GLY A 223 12.73 9.24 17.49
C GLY A 223 12.01 8.86 16.21
N TYR A 224 11.49 9.84 15.46
CA TYR A 224 10.85 9.55 14.17
C TYR A 224 11.87 9.59 13.05
N MET A 225 11.48 9.03 11.89
CA MET A 225 12.33 9.12 10.72
C MET A 225 11.50 9.38 9.48
N MET A 226 12.19 9.94 8.48
CA MET A 226 11.65 10.13 7.12
C MET A 226 12.69 9.71 6.07
N LEU A 227 12.23 8.96 5.06
CA LEU A 227 13.04 8.69 3.87
C LEU A 227 13.32 10.00 3.14
N PRO A 228 14.41 10.06 2.35
CA PRO A 228 14.63 11.27 1.51
C PRO A 228 13.41 11.59 0.64
N THR A 229 12.72 10.56 0.14
CA THR A 229 11.55 10.79 -0.70
C THR A 229 10.35 11.29 0.13
N ASP A 230 10.26 10.88 1.40
CA ASP A 230 9.25 11.43 2.33
C ASP A 230 9.51 12.93 2.52
N TYR A 231 10.77 13.25 2.85
CA TYR A 231 11.13 14.62 3.18
C TYR A 231 10.97 15.54 1.96
N SER A 232 11.11 14.95 0.75
CA SER A 232 11.00 15.72 -0.48
C SER A 232 9.61 16.36 -0.58
N LEU A 233 8.61 15.80 0.12
CA LEU A 233 7.25 16.38 0.10
C LEU A 233 7.15 17.76 0.78
N ILE A 234 8.14 18.11 1.60
CA ILE A 234 8.12 19.46 2.18
C ILE A 234 9.26 20.33 1.62
N GLN A 235 10.06 19.76 0.72
CA GLN A 235 11.08 20.53 -0.01
C GLN A 235 10.51 21.17 -1.28
N ASP A 236 9.50 20.53 -1.87
CA ASP A 236 8.90 20.96 -3.13
C ASP A 236 7.69 21.80 -2.79
N PRO A 237 7.57 23.01 -3.36
CA PRO A 237 6.50 23.90 -2.88
C PRO A 237 5.08 23.39 -3.21
N LYS A 238 4.92 22.63 -4.28
CA LYS A 238 3.58 22.11 -4.64
C LYS A 238 3.18 20.98 -3.69
N TYR A 239 4.08 20.05 -3.45
CA TYR A 239 3.84 19.00 -2.46
C TYR A 239 3.58 19.56 -1.05
N LEU A 240 4.37 20.57 -0.68
CA LEU A 240 4.26 21.17 0.65
C LEU A 240 2.87 21.72 0.90
N SER A 241 2.28 22.38 -0.11
CA SER A 241 0.92 22.90 0.07
C SER A 241 -0.08 21.79 0.44
N ILE A 242 0.07 20.65 -0.21
CA ILE A 242 -0.85 19.53 0.00
C ILE A 242 -0.57 18.82 1.33
N VAL A 243 0.71 18.68 1.67
CA VAL A 243 1.09 18.22 3.04
C VAL A 243 0.38 19.04 4.12
N LYS A 244 0.46 20.36 4.02
CA LYS A 244 -0.22 21.22 4.98
C LYS A 244 -1.73 21.01 4.96
N GLU A 245 -2.31 20.85 3.76
CA GLU A 245 -3.74 20.60 3.68
C GLU A 245 -4.13 19.35 4.47
N TYR A 246 -3.42 18.24 4.24
CA TYR A 246 -3.79 17.00 4.95
C TYR A 246 -3.44 17.04 6.45
N ALA A 247 -2.42 17.82 6.84
CA ALA A 247 -2.05 17.95 8.25
C ALA A 247 -3.12 18.66 9.03
N ASN A 248 -3.94 19.43 8.30
CA ASN A 248 -4.97 20.26 8.89
C ASN A 248 -6.39 19.79 8.59
N ASP A 249 -6.52 18.64 7.95
CA ASP A 249 -7.86 18.14 7.66
C ASP A 249 -7.84 16.61 7.52
N GLN A 250 -8.06 15.92 8.64
CA GLN A 250 -8.04 14.47 8.66
C GLN A 250 -9.06 13.85 7.71
N ASP A 251 -10.25 14.42 7.66
CA ASP A 251 -11.30 13.85 6.80
C ASP A 251 -10.93 13.94 5.32
N LYS A 252 -10.36 15.08 4.93
CA LYS A 252 -9.97 15.27 3.54
C LYS A 252 -8.86 14.28 3.15
N PHE A 253 -7.88 14.11 4.03
CA PHE A 253 -6.89 13.06 3.78
C PHE A 253 -7.53 11.67 3.62
N PHE A 254 -8.42 11.29 4.54
CA PHE A 254 -9.05 9.98 4.44
C PHE A 254 -9.77 9.81 3.13
N LYS A 255 -10.50 10.83 2.72
CA LYS A 255 -11.28 10.72 1.48
C LYS A 255 -10.37 10.63 0.26
N ASP A 256 -9.31 11.43 0.24
CA ASP A 256 -8.38 11.42 -0.89
C ASP A 256 -7.56 10.15 -0.93
N PHE A 257 -7.14 9.66 0.24
CA PHE A 257 -6.39 8.41 0.27
C PHE A 257 -7.23 7.26 -0.24
N SER A 258 -8.50 7.23 0.17
CA SER A 258 -9.42 6.12 -0.24
C SER A 258 -9.51 6.08 -1.75
N LYS A 259 -9.71 7.26 -2.39
CA LYS A 259 -9.84 7.33 -3.85
C LYS A 259 -8.54 6.89 -4.53
N ALA A 260 -7.42 7.41 -4.04
CA ALA A 260 -6.12 7.12 -4.69
C ALA A 260 -5.71 5.66 -4.51
N PHE A 261 -5.98 5.12 -3.31
CA PHE A 261 -5.62 3.73 -3.02
C PHE A 261 -6.49 2.76 -3.85
N GLU A 262 -7.78 3.07 -3.99
CA GLU A 262 -8.60 2.20 -4.83
C GLU A 262 -8.11 2.29 -6.28
N LYS A 263 -7.80 3.51 -6.73
CA LYS A 263 -7.31 3.69 -8.10
C LYS A 263 -6.02 2.90 -8.35
N LEU A 264 -5.09 3.00 -7.42
CA LEU A 264 -3.83 2.24 -7.48
C LEU A 264 -4.12 0.75 -7.62
N LEU A 265 -5.01 0.24 -6.77
CA LEU A 265 -5.34 -1.21 -6.76
C LEU A 265 -6.10 -1.65 -8.03
N GLU A 266 -6.67 -0.68 -8.75
CA GLU A 266 -7.47 -1.01 -9.94
C GLU A 266 -6.82 -0.65 -11.26
N ASN A 267 -5.67 0.01 -11.20
CA ASN A 267 -4.99 0.39 -12.44
C ASN A 267 -4.75 -0.85 -13.33
N GLY A 268 -5.07 -0.71 -14.62
CA GLY A 268 -4.81 -1.79 -15.56
C GLY A 268 -6.02 -2.66 -15.83
N ILE A 269 -7.06 -2.52 -15.03
CA ILE A 269 -8.21 -3.45 -15.10
C ILE A 269 -9.39 -2.80 -15.80
N THR A 270 -9.96 -3.51 -16.77
CA THR A 270 -11.18 -3.08 -17.45
C THR A 270 -12.35 -3.75 -16.77
N PHE A 271 -13.26 -2.95 -16.21
CA PHE A 271 -14.49 -3.47 -15.61
C PHE A 271 -15.67 -3.41 -16.60
N PRO A 272 -16.27 -4.57 -16.94
CA PRO A 272 -17.47 -4.62 -17.80
C PRO A 272 -18.55 -3.70 -17.29
N LYS A 273 -19.36 -3.17 -18.20
CA LYS A 273 -20.45 -2.29 -17.84
C LYS A 273 -21.38 -2.92 -16.82
N ASP A 274 -21.60 -4.23 -16.93
CA ASP A 274 -22.46 -4.94 -16.00
C ASP A 274 -21.70 -5.66 -14.88
N ALA A 275 -20.49 -5.22 -14.58
CA ALA A 275 -19.77 -5.73 -13.43
C ALA A 275 -20.46 -5.29 -12.13
N PRO A 276 -20.31 -6.06 -11.03
CA PRO A 276 -20.87 -5.54 -9.76
C PRO A 276 -20.31 -4.17 -9.38
N SER A 277 -21.09 -3.40 -8.63
CA SER A 277 -20.60 -2.19 -8.01
C SER A 277 -19.46 -2.54 -7.05
N PRO A 278 -18.60 -1.57 -6.74
CA PRO A 278 -17.57 -1.81 -5.71
C PRO A 278 -18.21 -2.19 -4.37
N PHE A 279 -17.56 -3.10 -3.66
CA PHE A 279 -17.96 -3.51 -2.33
C PHE A 279 -17.35 -2.57 -1.28
N ILE A 280 -18.13 -2.25 -0.27
CA ILE A 280 -17.61 -1.59 0.93
C ILE A 280 -17.83 -2.57 2.08
N PHE A 281 -16.73 -3.12 2.57
CA PHE A 281 -16.81 -4.09 3.65
C PHE A 281 -16.97 -3.47 5.01
N LYS A 282 -17.74 -4.15 5.83
CA LYS A 282 -17.87 -3.78 7.25
C LYS A 282 -16.65 -4.23 8.00
N THR A 283 -16.21 -3.43 8.96
CA THR A 283 -15.11 -3.86 9.81
C THR A 283 -15.59 -4.89 10.84
N LEU A 284 -14.64 -5.57 11.50
CA LEU A 284 -15.06 -6.50 12.55
C LEU A 284 -15.85 -5.75 13.61
N GLU A 285 -15.35 -4.57 13.97
CA GLU A 285 -15.97 -3.73 14.97
C GLU A 285 -17.41 -3.43 14.58
N GLU A 286 -17.65 -3.05 13.32
CA GLU A 286 -19.00 -2.76 12.87
C GLU A 286 -19.91 -3.99 12.90
N GLN A 287 -19.33 -5.18 12.78
CA GLN A 287 -20.11 -6.42 12.77
C GLN A 287 -20.35 -6.99 14.17
N GLY A 288 -19.66 -6.40 15.16
CA GLY A 288 -19.74 -6.93 16.52
C GLY A 288 -18.95 -8.23 16.67
N LEU A 289 -17.96 -8.40 15.79
CA LEU A 289 -17.12 -9.59 15.81
C LEU A 289 -15.74 -9.31 16.42
CHA HEM B . 7.65 0.90 4.03
CHB HEM B . 9.79 3.32 0.33
CHC HEM B . 5.44 4.64 -1.28
CHD HEM B . 3.27 1.88 2.08
C1A HEM B . 8.59 1.39 3.15
C2A HEM B . 10.01 1.14 3.20
C3A HEM B . 10.58 1.83 2.19
C4A HEM B . 9.56 2.53 1.46
CMA HEM B . 12.08 1.89 1.86
CAA HEM B . 10.73 0.26 4.23
CBA HEM B . 10.56 -1.22 3.89
CGA HEM B . 11.32 -2.02 4.92
O1A HEM B . 12.50 -1.68 5.22
O2A HEM B . 10.73 -3.00 5.44
C1B HEM B . 8.80 3.93 -0.39
C2B HEM B . 9.00 4.84 -1.49
C3B HEM B . 7.80 5.19 -1.93
C4B HEM B . 6.80 4.55 -1.12
CMB HEM B . 10.40 5.22 -2.04
CAB HEM B . 7.42 6.19 -3.06
CBB HEM B . 8.25 7.15 -3.51
C1C HEM B . 4.47 3.92 -0.60
C2C HEM B . 3.05 3.88 -0.91
C3C HEM B . 2.44 3.08 0.00
C4C HEM B . 3.45 2.67 0.95
CMC HEM B . 2.47 4.58 -2.15
CAC HEM B . 0.93 2.70 0.08
CBC HEM B . -0.05 3.53 -0.27
C1D HEM B . 4.29 1.51 2.95
C2D HEM B . 4.07 0.88 4.24
C3D HEM B . 5.27 0.59 4.80
C4D HEM B . 6.28 1.04 3.86
CMD HEM B . 2.65 0.63 4.83
CAD HEM B . 5.58 -0.08 6.17
CBD HEM B . 5.84 -1.59 5.95
CGD HEM B . 6.19 -2.34 7.22
O1D HEM B . 5.98 -1.81 8.34
O2D HEM B . 6.62 -3.52 7.16
NA HEM B . 8.35 2.24 2.05
NB HEM B . 7.45 3.75 -0.20
NC HEM B . 4.68 3.16 0.53
ND HEM B . 5.66 1.60 2.77
FE HEM B . 6.51 2.76 1.32
C4 TP5 C . 7.28 4.52 7.70
S1 TP5 C . 7.25 3.27 6.53
C5 TP5 C . 8.34 3.99 5.37
C3 TP5 C . 8.70 5.25 5.91
C1 TP5 C . 8.12 5.53 7.16
C2 TP5 C . 8.39 6.83 7.94
N2 TP5 C . 8.36 6.79 9.41
N1 TP5 C . 8.63 7.94 7.30
#